data_7OXL
#
_entry.id   7OXL
#
_cell.length_a   190.919
_cell.length_b   190.919
_cell.length_c   43.574
_cell.angle_alpha   90.000
_cell.angle_beta   90.000
_cell.angle_gamma   120.000
#
_symmetry.space_group_name_H-M   'P 3 2 1'
#
loop_
_entity.id
_entity.type
_entity.pdbx_description
1 polymer 'Spermine oxidase,Spermine oxidase,Spermine oxidase'
2 non-polymer 'FAD-MDL72527 adduct'
3 non-polymer 'CHLORIDE ION'
4 non-polymer (4S)-2-METHYL-2,4-PENTANEDIOL
5 water water
#
_entity_poly.entity_id   1
_entity_poly.type   'polypeptide(L)'
_entity_poly.pdbx_seq_one_letter_code
;GGPGPRVVVIGAGLAGLAAAKALLEQGFTDVTVLEASSHIGGRVQSVKLGHATFELGATWIHGSHGNPIYHLAEANGLLE
ETTDGERSVGRISLYSKNGVACYLTNHGRRIPKDVVEEFSDLYNEVYNLTQEFFRHDKPVNAESQNSVGVFTREEVRNRI
RNDPDDPEATKRLKLAMIQQYLKVESCESSSHSMDEVSLSAFGEWTEIPGAHHIIPSGFMRVVELLAEGIPAHVIQLGKP
VRCIHWDQASGSGSGSVVVECEDCELIPADHVIVTVSLGVLKRQYTSFFRPGLPTEKVAAIHRLGIGTTDKIFLEFEEPF
WGPECNSLQFVWEDEAESHTLTYPPELWYRKICGFDVLYPPERYGHVLSGWICGEEALVMETLSDEAVAEICTEMLRQFT
GNPNIPKPRRILRSAWGSNPYFRGSYSYTQVGSSGADVEKLAKPLPGLQVLFSGEATHRKYYSTTHGALLSGQREAARLI
EMYRDLFQQSRPRL
;
_entity_poly.pdbx_strand_id   A
#
# COMPACT_ATOMS: atom_id res chain seq x y z
N PRO A 3 -13.63 5.67 36.56
CA PRO A 3 -12.92 6.88 36.13
C PRO A 3 -13.06 7.16 34.62
N GLY A 4 -14.29 7.39 34.16
CA GLY A 4 -14.64 7.66 32.75
C GLY A 4 -14.72 6.36 31.93
N PRO A 5 -15.14 6.43 30.64
CA PRO A 5 -15.24 5.24 29.80
C PRO A 5 -13.85 4.75 29.36
N ARG A 6 -13.63 3.44 29.42
CA ARG A 6 -12.31 2.83 29.09
C ARG A 6 -12.31 2.48 27.59
N VAL A 7 -11.49 3.18 26.81
CA VAL A 7 -11.36 3.00 25.34
C VAL A 7 -10.03 2.30 25.06
N VAL A 8 -10.06 1.24 24.25
CA VAL A 8 -8.85 0.49 23.80
C VAL A 8 -8.76 0.65 22.28
N VAL A 9 -7.62 1.13 21.79
CA VAL A 9 -7.35 1.26 20.33
C VAL A 9 -6.37 0.14 19.98
N ILE A 10 -6.69 -0.66 18.96
CA ILE A 10 -5.81 -1.75 18.47
C ILE A 10 -5.09 -1.20 17.24
N GLY A 11 -3.76 -1.09 17.34
CA GLY A 11 -2.89 -0.58 16.26
C GLY A 11 -2.49 0.87 16.49
N ALA A 12 -1.19 1.15 16.41
CA ALA A 12 -0.59 2.51 16.49
C ALA A 12 -0.05 2.90 15.10
N GLY A 13 -0.85 2.66 14.05
CA GLY A 13 -0.71 3.30 12.73
C GLY A 13 -1.41 4.65 12.73
N LEU A 14 -1.56 5.27 11.56
CA LEU A 14 -2.16 6.63 11.46
C LEU A 14 -3.58 6.63 12.03
N ALA A 15 -4.39 5.61 11.73
CA ALA A 15 -5.80 5.51 12.16
C ALA A 15 -5.86 5.45 13.69
N GLY A 16 -5.07 4.56 14.31
CA GLY A 16 -5.03 4.35 15.77
C GLY A 16 -4.56 5.58 16.52
N LEU A 17 -3.50 6.22 16.04
CA LEU A 17 -2.92 7.44 16.66
C LEU A 17 -3.92 8.59 16.54
N ALA A 18 -4.54 8.77 15.38
CA ALA A 18 -5.52 9.85 15.12
C ALA A 18 -6.71 9.68 16.05
N ALA A 19 -7.19 8.43 16.22
CA ALA A 19 -8.36 8.10 17.08
C ALA A 19 -8.02 8.43 18.54
N ALA A 20 -6.88 7.90 19.01
CA ALA A 20 -6.33 8.12 20.37
C ALA A 20 -6.22 9.63 20.66
N LYS A 21 -5.58 10.39 19.77
CA LYS A 21 -5.34 11.85 19.94
C LYS A 21 -6.67 12.59 20.05
N ALA A 22 -7.61 12.28 19.15
CA ALA A 22 -8.95 12.91 19.07
C ALA A 22 -9.71 12.72 20.39
N LEU A 23 -9.68 11.50 20.94
CA LEU A 23 -10.33 11.15 22.24
C LEU A 23 -9.67 11.92 23.38
N LEU A 24 -8.34 11.86 23.49
CA LEU A 24 -7.54 12.54 24.55
C LEU A 24 -7.83 14.05 24.53
N GLU A 25 -7.96 14.64 23.34
CA GLU A 25 -8.23 16.09 23.12
C GLU A 25 -9.65 16.47 23.56
N GLN A 26 -10.59 15.52 23.58
CA GLN A 26 -12.00 15.73 24.01
C GLN A 26 -12.21 15.25 25.45
N GLY A 27 -11.13 15.02 26.21
CA GLY A 27 -11.18 14.75 27.67
C GLY A 27 -11.53 13.31 28.01
N PHE A 28 -11.21 12.35 27.13
CA PHE A 28 -11.19 10.91 27.43
C PHE A 28 -9.83 10.58 28.05
N THR A 29 -9.78 10.37 29.37
CA THR A 29 -8.54 10.13 30.14
C THR A 29 -8.13 8.66 30.06
N ASP A 30 -9.11 7.74 30.05
CA ASP A 30 -8.90 6.28 30.18
C ASP A 30 -8.75 5.65 28.78
N VAL A 31 -7.67 5.99 28.09
CA VAL A 31 -7.38 5.58 26.67
C VAL A 31 -6.03 4.85 26.63
N THR A 32 -5.99 3.68 25.98
CA THR A 32 -4.78 2.84 25.82
C THR A 32 -4.73 2.31 24.38
N VAL A 33 -3.57 2.43 23.73
CA VAL A 33 -3.31 1.92 22.36
C VAL A 33 -2.46 0.65 22.51
N LEU A 34 -2.96 -0.48 22.02
CA LEU A 34 -2.25 -1.76 21.98
C LEU A 34 -1.68 -1.95 20.57
N GLU A 35 -0.36 -1.83 20.44
CA GLU A 35 0.38 -1.98 19.16
C GLU A 35 1.13 -3.32 19.19
N ALA A 36 0.92 -4.13 18.16
CA ALA A 36 1.49 -5.49 18.03
C ALA A 36 3.02 -5.41 17.94
N SER A 37 3.53 -4.51 17.11
CA SER A 37 4.98 -4.39 16.77
C SER A 37 5.71 -3.54 17.82
N SER A 38 7.02 -3.37 17.64
CA SER A 38 7.90 -2.56 18.52
C SER A 38 7.89 -1.08 18.10
N HIS A 39 7.19 -0.72 17.01
CA HIS A 39 7.20 0.61 16.36
C HIS A 39 5.76 1.16 16.22
N ILE A 40 5.63 2.48 16.03
CA ILE A 40 4.38 3.16 15.60
C ILE A 40 4.48 3.48 14.10
N GLY A 41 3.34 3.84 13.48
CA GLY A 41 3.24 4.24 12.06
C GLY A 41 2.65 3.16 11.18
N GLY A 42 2.84 1.89 11.54
CA GLY A 42 2.33 0.74 10.77
C GLY A 42 2.92 0.73 9.37
N ARG A 43 2.10 0.95 8.34
CA ARG A 43 2.51 0.92 6.92
C ARG A 43 3.19 2.24 6.51
N VAL A 44 3.37 3.18 7.43
CA VAL A 44 4.39 4.26 7.34
C VAL A 44 5.66 3.75 8.04
N GLN A 45 6.71 3.45 7.27
CA GLN A 45 7.98 2.88 7.79
C GLN A 45 9.16 3.51 7.02
N SER A 46 9.88 4.42 7.67
CA SER A 46 11.06 5.15 7.13
C SER A 46 12.32 4.51 7.69
N VAL A 47 13.28 4.17 6.81
CA VAL A 47 14.59 3.54 7.18
C VAL A 47 15.71 4.45 6.68
N LYS A 48 16.76 4.61 7.49
CA LYS A 48 17.99 5.38 7.15
C LYS A 48 19.16 4.43 6.93
N LEU A 49 19.67 4.36 5.69
CA LEU A 49 20.99 3.78 5.33
C LEU A 49 22.01 4.93 5.20
N GLY A 50 22.81 5.15 6.25
CA GLY A 50 23.69 6.33 6.39
C GLY A 50 22.89 7.60 6.54
N HIS A 51 23.16 8.62 5.72
CA HIS A 51 22.47 9.93 5.70
C HIS A 51 21.10 9.80 5.02
N ALA A 52 21.01 8.93 4.00
CA ALA A 52 19.82 8.72 3.13
C ALA A 52 18.64 8.19 3.95
N THR A 53 17.42 8.53 3.54
CA THR A 53 16.13 8.07 4.15
C THR A 53 15.26 7.43 3.06
N PHE A 54 14.92 6.15 3.24
CA PHE A 54 14.15 5.32 2.27
C PHE A 54 12.83 4.91 2.91
N GLU A 55 11.74 5.04 2.15
CA GLU A 55 10.38 4.65 2.59
C GLU A 55 10.13 3.21 2.15
N LEU A 56 9.82 2.32 3.10
CA LEU A 56 9.46 0.90 2.82
C LEU A 56 7.94 0.77 2.68
N GLY A 57 7.16 1.74 3.19
CA GLY A 57 5.70 1.80 3.06
C GLY A 57 5.26 3.03 2.29
N ALA A 58 4.32 3.81 2.86
CA ALA A 58 3.79 5.08 2.31
C ALA A 58 4.96 6.00 1.94
N THR A 59 4.95 6.52 0.71
CA THR A 59 6.05 7.28 0.06
C THR A 59 5.60 8.73 -0.21
N TRP A 60 4.37 8.92 -0.72
CA TRP A 60 3.85 10.22 -1.23
C TRP A 60 2.65 10.69 -0.40
N ILE A 61 2.53 12.00 -0.21
CA ILE A 61 1.27 12.69 0.21
C ILE A 61 0.55 13.10 -1.08
N HIS A 62 -0.73 12.72 -1.24
CA HIS A 62 -1.54 13.01 -2.45
C HIS A 62 -2.03 14.46 -2.38
N GLY A 63 -1.12 15.40 -2.71
CA GLY A 63 -1.35 16.86 -2.91
C GLY A 63 -2.23 17.49 -1.83
N SER A 64 -3.00 18.53 -2.24
CA SER A 64 -4.21 19.06 -1.58
C SER A 64 -3.89 19.89 -0.33
N HIS A 65 -4.71 20.93 -0.07
CA HIS A 65 -4.69 21.77 1.16
C HIS A 65 -5.57 21.14 2.24
N GLY A 66 -6.73 20.60 1.84
CA GLY A 66 -7.70 19.92 2.71
C GLY A 66 -7.14 18.64 3.32
N ASN A 67 -6.28 17.92 2.58
CA ASN A 67 -5.54 16.71 3.05
C ASN A 67 -4.87 17.04 4.38
N PRO A 68 -5.31 16.44 5.51
CA PRO A 68 -4.82 16.83 6.83
C PRO A 68 -3.36 16.42 7.12
N ILE A 69 -2.80 15.53 6.29
CA ILE A 69 -1.37 15.06 6.37
C ILE A 69 -0.46 16.08 5.66
N TYR A 70 -0.92 16.68 4.56
CA TYR A 70 -0.27 17.85 3.91
C TYR A 70 -0.15 18.98 4.93
N HIS A 71 -1.27 19.36 5.56
CA HIS A 71 -1.37 20.43 6.58
C HIS A 71 -0.38 20.16 7.72
N LEU A 72 -0.38 18.93 8.27
CA LEU A 72 0.53 18.51 9.38
C LEU A 72 1.99 18.77 8.98
N ALA A 73 2.38 18.30 7.80
CA ALA A 73 3.76 18.36 7.27
C ALA A 73 4.18 19.82 7.03
N GLU A 74 3.44 20.53 6.18
CA GLU A 74 3.71 21.94 5.75
C GLU A 74 3.85 22.84 6.98
N ALA A 75 2.95 22.72 7.96
CA ALA A 75 2.90 23.52 9.21
C ALA A 75 4.19 23.35 10.05
N ASN A 76 4.85 22.19 9.97
CA ASN A 76 6.11 21.90 10.73
C ASN A 76 7.33 21.90 9.78
N GLY A 77 7.15 22.35 8.53
CA GLY A 77 8.23 22.55 7.53
C GLY A 77 9.04 21.28 7.29
N LEU A 78 8.36 20.17 7.03
CA LEU A 78 8.96 18.84 6.72
C LEU A 78 8.98 18.60 5.22
N LEU A 79 8.30 19.46 4.44
CA LEU A 79 7.77 19.13 3.09
C LEU A 79 8.61 19.79 2.01
N GLU A 80 8.63 19.17 0.82
CA GLU A 80 9.48 19.55 -0.33
C GLU A 80 8.84 19.03 -1.63
N ASN A 98 15.11 16.12 -15.30
CA ASN A 98 16.25 15.16 -15.28
C ASN A 98 16.40 14.51 -16.67
N GLY A 99 15.61 13.47 -16.97
CA GLY A 99 15.79 12.59 -18.14
C GLY A 99 14.55 11.77 -18.47
N VAL A 100 14.74 10.57 -19.02
CA VAL A 100 13.70 9.79 -19.77
C VAL A 100 13.60 8.39 -19.15
N ALA A 101 12.44 7.74 -19.28
CA ALA A 101 12.25 6.30 -18.99
C ALA A 101 12.91 5.48 -20.11
N CYS A 102 13.95 4.71 -19.79
CA CYS A 102 14.70 3.85 -20.74
C CYS A 102 14.04 2.48 -20.78
N TYR A 103 13.36 2.16 -21.88
CA TYR A 103 12.69 0.85 -22.10
C TYR A 103 13.70 -0.12 -22.71
N LEU A 104 14.00 -1.21 -21.99
CA LEU A 104 15.03 -2.20 -22.35
C LEU A 104 14.38 -3.56 -22.62
N THR A 105 14.89 -4.31 -23.59
CA THR A 105 14.45 -5.69 -23.94
C THR A 105 15.32 -6.70 -23.20
N ASN A 106 14.85 -7.94 -23.08
CA ASN A 106 15.53 -9.04 -22.35
C ASN A 106 16.75 -9.56 -23.13
N HIS A 107 16.94 -9.12 -24.38
CA HIS A 107 18.16 -9.34 -25.20
C HIS A 107 19.03 -8.06 -25.24
N GLY A 108 19.06 -7.29 -24.15
CA GLY A 108 20.01 -6.20 -23.89
C GLY A 108 20.00 -5.10 -24.93
N ARG A 109 18.82 -4.78 -25.49
CA ARG A 109 18.63 -3.70 -26.50
C ARG A 109 17.68 -2.63 -25.94
N ARG A 110 17.98 -1.35 -26.19
CA ARG A 110 17.08 -0.22 -25.86
C ARG A 110 16.03 -0.08 -26.97
N ILE A 111 14.76 0.07 -26.58
CA ILE A 111 13.62 0.31 -27.51
C ILE A 111 13.64 1.79 -27.89
N PRO A 112 13.66 2.15 -29.19
CA PRO A 112 13.71 3.57 -29.59
C PRO A 112 12.54 4.42 -29.07
N LYS A 113 12.84 5.68 -28.74
CA LYS A 113 11.88 6.74 -28.32
C LYS A 113 10.57 6.61 -29.11
N ASP A 114 10.65 6.44 -30.43
CA ASP A 114 9.51 6.54 -31.39
C ASP A 114 8.57 5.35 -31.20
N VAL A 115 9.12 4.14 -30.99
CA VAL A 115 8.37 2.89 -30.74
C VAL A 115 7.51 3.06 -29.47
N VAL A 116 8.16 3.47 -28.37
CA VAL A 116 7.53 3.67 -27.02
C VAL A 116 6.44 4.73 -27.15
N GLU A 117 6.78 5.87 -27.76
CA GLU A 117 5.89 7.05 -27.95
C GLU A 117 4.66 6.60 -28.77
N GLU A 118 4.87 5.82 -29.83
CA GLU A 118 3.80 5.25 -30.69
C GLU A 118 2.88 4.34 -29.88
N PHE A 119 3.46 3.47 -29.04
CA PHE A 119 2.70 2.55 -28.17
C PHE A 119 1.86 3.36 -27.20
N SER A 120 2.52 4.27 -26.45
CA SER A 120 1.90 5.15 -25.43
C SER A 120 0.64 5.84 -25.97
N ASP A 121 0.72 6.42 -27.18
CA ASP A 121 -0.40 7.17 -27.82
C ASP A 121 -1.52 6.21 -28.23
N LEU A 122 -1.18 5.05 -28.79
CA LEU A 122 -2.14 3.99 -29.18
C LEU A 122 -2.92 3.56 -27.93
N TYR A 123 -2.21 3.29 -26.84
CA TYR A 123 -2.80 2.86 -25.54
C TYR A 123 -3.72 3.97 -25.01
N ASN A 124 -3.23 5.21 -24.95
CA ASN A 124 -3.95 6.38 -24.38
C ASN A 124 -5.20 6.69 -25.22
N GLU A 125 -5.09 6.62 -26.55
CA GLU A 125 -6.23 6.84 -27.48
C GLU A 125 -7.29 5.77 -27.23
N VAL A 126 -6.88 4.50 -27.20
CA VAL A 126 -7.79 3.31 -27.06
C VAL A 126 -8.37 3.26 -25.64
N TYR A 127 -7.60 3.66 -24.62
CA TYR A 127 -8.06 3.73 -23.20
C TYR A 127 -9.23 4.72 -23.07
N ASN A 128 -9.14 5.88 -23.75
CA ASN A 128 -10.13 6.99 -23.67
C ASN A 128 -11.42 6.60 -24.41
N LEU A 129 -11.30 6.05 -25.62
CA LEU A 129 -12.44 5.56 -26.44
C LEU A 129 -13.22 4.48 -25.65
N THR A 130 -12.52 3.68 -24.84
CA THR A 130 -13.10 2.64 -23.95
C THR A 130 -13.73 3.32 -22.73
N GLN A 131 -12.96 4.14 -21.99
CA GLN A 131 -13.39 4.83 -20.74
C GLN A 131 -14.65 5.68 -21.01
N GLU A 132 -14.72 6.31 -22.19
CA GLU A 132 -15.91 7.09 -22.66
C GLU A 132 -17.11 6.14 -22.81
N PHE A 133 -16.92 4.99 -23.44
CA PHE A 133 -17.94 3.93 -23.68
C PHE A 133 -18.55 3.48 -22.35
N PHE A 134 -17.75 3.45 -21.27
CA PHE A 134 -18.20 3.19 -19.88
C PHE A 134 -18.38 4.53 -19.15
N VAL A 140 -19.47 4.25 -13.16
CA VAL A 140 -18.00 4.02 -13.02
C VAL A 140 -17.73 3.28 -11.71
N ASN A 141 -18.05 1.98 -11.67
CA ASN A 141 -17.90 1.07 -10.49
C ASN A 141 -16.58 0.30 -10.63
N ALA A 142 -16.34 -0.67 -9.72
CA ALA A 142 -15.13 -1.53 -9.67
C ALA A 142 -15.01 -2.38 -10.95
N GLU A 143 -16.09 -3.08 -11.34
CA GLU A 143 -16.15 -3.97 -12.52
C GLU A 143 -16.03 -3.15 -13.81
N SER A 144 -16.51 -1.90 -13.81
CA SER A 144 -16.40 -0.93 -14.94
C SER A 144 -14.93 -0.57 -15.14
N GLN A 145 -14.26 -0.06 -14.10
CA GLN A 145 -12.85 0.43 -14.12
C GLN A 145 -11.92 -0.69 -14.64
N ASN A 146 -12.04 -1.90 -14.11
CA ASN A 146 -11.20 -3.07 -14.46
C ASN A 146 -11.38 -3.42 -15.95
N SER A 147 -12.63 -3.48 -16.42
CA SER A 147 -13.01 -3.89 -17.80
C SER A 147 -12.49 -2.89 -18.83
N VAL A 148 -12.32 -1.61 -18.47
CA VAL A 148 -11.71 -0.56 -19.35
C VAL A 148 -10.30 -1.06 -19.74
N GLY A 149 -9.50 -1.44 -18.75
CA GLY A 149 -8.13 -1.99 -18.97
C GLY A 149 -8.15 -3.20 -19.89
N VAL A 150 -9.02 -4.16 -19.62
CA VAL A 150 -9.09 -5.48 -20.30
C VAL A 150 -9.41 -5.27 -21.79
N PHE A 151 -10.45 -4.49 -22.10
CA PHE A 151 -10.94 -4.25 -23.48
C PHE A 151 -10.01 -3.28 -24.22
N THR A 152 -9.32 -2.39 -23.49
CA THR A 152 -8.29 -1.46 -24.04
C THR A 152 -7.13 -2.28 -24.60
N ARG A 153 -6.56 -3.18 -23.79
CA ARG A 153 -5.39 -4.02 -24.14
C ARG A 153 -5.71 -4.91 -25.35
N GLU A 154 -6.91 -5.49 -25.41
CA GLU A 154 -7.30 -6.43 -26.50
C GLU A 154 -7.48 -5.65 -27.80
N GLU A 155 -8.04 -4.43 -27.71
CA GLU A 155 -8.20 -3.51 -28.87
C GLU A 155 -6.82 -3.03 -29.34
N VAL A 156 -5.94 -2.63 -28.40
CA VAL A 156 -4.53 -2.24 -28.69
C VAL A 156 -3.81 -3.41 -29.39
N ARG A 157 -3.92 -4.62 -28.83
CA ARG A 157 -3.34 -5.88 -29.39
C ARG A 157 -3.81 -6.06 -30.85
N ASN A 158 -5.09 -5.82 -31.12
CA ASN A 158 -5.67 -5.91 -32.48
C ASN A 158 -5.01 -4.87 -33.39
N ARG A 159 -5.03 -3.59 -32.97
CA ARG A 159 -4.54 -2.45 -33.77
C ARG A 159 -3.07 -2.65 -34.14
N ILE A 160 -2.27 -3.24 -33.24
CA ILE A 160 -0.84 -3.60 -33.50
C ILE A 160 -0.82 -4.74 -34.53
N ARG A 161 -1.44 -5.88 -34.21
CA ARG A 161 -1.51 -7.09 -35.08
C ARG A 161 -1.93 -6.70 -36.51
N ASN A 162 -2.96 -5.85 -36.62
CA ASN A 162 -3.64 -5.52 -37.91
C ASN A 162 -2.99 -4.30 -38.59
N ASP A 163 -2.07 -3.59 -37.94
CA ASP A 163 -1.32 -2.46 -38.55
C ASP A 163 -0.56 -2.99 -39.77
N PRO A 164 -0.85 -2.51 -41.01
CA PRO A 164 -0.19 -3.03 -42.20
C PRO A 164 1.24 -2.52 -42.42
N ASP A 165 1.63 -1.43 -41.74
CA ASP A 165 2.86 -0.64 -42.01
C ASP A 165 3.99 -1.00 -41.03
N ASP A 166 3.69 -1.47 -39.81
CA ASP A 166 4.71 -1.92 -38.83
C ASP A 166 5.36 -3.22 -39.30
N PRO A 167 6.70 -3.38 -39.17
CA PRO A 167 7.35 -4.67 -39.40
C PRO A 167 7.16 -5.66 -38.23
N GLU A 168 7.49 -6.93 -38.47
CA GLU A 168 7.23 -8.09 -37.56
C GLU A 168 7.90 -7.84 -36.20
N ALA A 169 9.21 -7.56 -36.20
CA ALA A 169 10.05 -7.38 -35.00
C ALA A 169 9.46 -6.30 -34.08
N THR A 170 9.04 -5.18 -34.66
CA THR A 170 8.43 -4.01 -33.97
C THR A 170 7.11 -4.40 -33.30
N LYS A 171 6.26 -5.18 -34.00
CA LYS A 171 4.97 -5.66 -33.47
C LYS A 171 5.21 -6.53 -32.23
N ARG A 172 6.20 -7.43 -32.26
CA ARG A 172 6.57 -8.34 -31.14
C ARG A 172 6.95 -7.51 -29.89
N LEU A 173 7.67 -6.40 -30.08
CA LEU A 173 8.11 -5.48 -28.98
C LEU A 173 6.88 -4.74 -28.41
N LYS A 174 6.07 -4.12 -29.27
CA LYS A 174 4.86 -3.35 -28.87
C LYS A 174 3.85 -4.25 -28.13
N LEU A 175 3.65 -5.48 -28.62
CA LEU A 175 2.73 -6.46 -27.98
C LEU A 175 3.25 -6.83 -26.58
N ALA A 176 4.57 -6.94 -26.41
CA ALA A 176 5.21 -7.26 -25.11
C ALA A 176 5.12 -6.05 -24.16
N MET A 177 4.97 -4.84 -24.70
CA MET A 177 4.78 -3.60 -23.90
C MET A 177 3.37 -3.56 -23.28
N ILE A 178 2.38 -4.26 -23.87
CA ILE A 178 1.02 -4.42 -23.26
C ILE A 178 1.20 -5.14 -21.93
N GLN A 179 2.01 -6.19 -21.91
CA GLN A 179 2.28 -7.02 -20.71
C GLN A 179 3.07 -6.22 -19.68
N GLN A 180 3.98 -5.34 -20.12
CA GLN A 180 4.79 -4.45 -19.24
C GLN A 180 3.86 -3.42 -18.58
N TYR A 181 2.93 -2.84 -19.34
CA TYR A 181 1.92 -1.87 -18.84
C TYR A 181 1.03 -2.57 -17.81
N LEU A 182 0.51 -3.75 -18.18
CA LEU A 182 -0.35 -4.61 -17.34
C LEU A 182 0.28 -4.80 -15.95
N LYS A 183 1.59 -5.02 -15.87
CA LYS A 183 2.35 -5.15 -14.59
C LYS A 183 2.37 -3.81 -13.83
N VAL A 184 2.52 -2.68 -14.52
CA VAL A 184 2.51 -1.32 -13.89
C VAL A 184 1.12 -1.05 -13.32
N GLU A 185 0.06 -1.39 -14.07
CA GLU A 185 -1.36 -1.21 -13.68
C GLU A 185 -1.67 -2.07 -12.44
N SER A 186 -1.01 -3.23 -12.29
CA SER A 186 -1.18 -4.20 -11.17
C SER A 186 -0.72 -3.61 -9.83
N CYS A 187 0.22 -2.67 -9.83
CA CYS A 187 0.72 -1.95 -8.61
C CYS A 187 -0.11 -0.69 -8.34
N GLU A 188 -0.67 -0.07 -9.38
CA GLU A 188 -1.48 1.19 -9.28
C GLU A 188 -2.74 0.92 -8.43
N SER A 189 -3.00 1.80 -7.46
CA SER A 189 -4.25 1.90 -6.66
C SER A 189 -4.11 3.07 -5.67
N SER A 190 -4.80 4.19 -5.93
CA SER A 190 -4.75 5.46 -5.15
C SER A 190 -5.90 5.50 -4.14
N ALA A 211 0.25 17.66 -6.19
CA ALA A 211 -0.19 16.34 -6.73
C ALA A 211 0.40 15.21 -5.88
N HIS A 212 1.73 15.13 -5.81
CA HIS A 212 2.52 14.09 -5.08
C HIS A 212 3.74 14.73 -4.42
N HIS A 213 3.76 14.81 -3.08
CA HIS A 213 4.88 15.37 -2.26
C HIS A 213 5.56 14.24 -1.48
N ILE A 214 6.88 14.35 -1.29
CA ILE A 214 7.70 13.44 -0.43
C ILE A 214 8.14 14.25 0.80
N ILE A 215 8.47 13.54 1.89
CA ILE A 215 9.11 14.10 3.12
C ILE A 215 10.54 13.56 3.16
N PRO A 216 11.55 14.32 2.66
CA PRO A 216 12.93 13.84 2.62
C PRO A 216 13.50 13.34 3.96
N SER A 217 13.06 13.94 5.07
CA SER A 217 13.45 13.58 6.46
C SER A 217 12.87 12.22 6.88
N GLY A 218 11.74 11.82 6.29
CA GLY A 218 11.02 10.56 6.59
C GLY A 218 9.55 10.82 6.80
N PHE A 219 8.69 10.01 6.18
CA PHE A 219 7.21 9.99 6.39
C PHE A 219 6.93 9.74 7.88
N MET A 220 7.79 8.97 8.57
CA MET A 220 7.70 8.70 10.04
C MET A 220 7.71 10.00 10.87
N ARG A 221 8.18 11.13 10.32
CA ARG A 221 8.13 12.45 11.04
C ARG A 221 6.67 12.86 11.25
N VAL A 222 5.81 12.71 10.23
CA VAL A 222 4.34 12.99 10.30
C VAL A 222 3.71 12.12 11.40
N VAL A 223 4.09 10.83 11.45
CA VAL A 223 3.60 9.85 12.46
C VAL A 223 3.99 10.37 13.84
N GLU A 224 5.26 10.78 14.00
CA GLU A 224 5.83 11.28 15.28
C GLU A 224 5.11 12.56 15.73
N LEU A 225 4.64 13.41 14.80
CA LEU A 225 3.85 14.64 15.13
C LEU A 225 2.56 14.25 15.87
N LEU A 226 1.73 13.39 15.26
CA LEU A 226 0.46 12.90 15.87
C LEU A 226 0.74 12.41 17.30
N ALA A 227 1.79 11.61 17.47
CA ALA A 227 2.12 10.90 18.73
C ALA A 227 2.72 11.85 19.78
N GLU A 228 3.24 13.02 19.39
CA GLU A 228 3.84 14.02 20.31
C GLU A 228 2.91 14.25 21.50
N GLY A 229 1.66 14.65 21.22
CA GLY A 229 0.66 15.01 22.24
C GLY A 229 0.34 13.84 23.17
N ILE A 230 0.38 12.61 22.66
CA ILE A 230 -0.08 11.39 23.39
C ILE A 230 0.89 11.13 24.54
N PRO A 231 0.42 11.09 25.82
CA PRO A 231 1.25 10.62 26.94
C PRO A 231 1.89 9.23 26.75
N ALA A 232 3.04 9.02 27.39
CA ALA A 232 3.93 7.84 27.24
C ALA A 232 3.19 6.54 27.57
N HIS A 233 2.44 6.51 28.69
CA HIS A 233 1.77 5.32 29.26
C HIS A 233 0.71 4.74 28.31
N VAL A 234 0.10 5.58 27.46
CA VAL A 234 -1.09 5.26 26.61
C VAL A 234 -0.74 4.19 25.57
N ILE A 235 0.39 4.32 24.89
CA ILE A 235 0.81 3.42 23.78
C ILE A 235 1.62 2.25 24.38
N GLN A 236 1.05 1.05 24.31
CA GLN A 236 1.68 -0.24 24.69
C GLN A 236 2.22 -0.91 23.42
N LEU A 237 3.54 -0.93 23.27
CA LEU A 237 4.27 -1.59 22.16
C LEU A 237 4.45 -3.08 22.48
N GLY A 238 4.66 -3.89 21.45
CA GLY A 238 4.91 -5.34 21.58
C GLY A 238 3.73 -6.04 22.25
N LYS A 239 2.52 -5.63 21.92
CA LYS A 239 1.27 -5.98 22.65
C LYS A 239 0.19 -6.39 21.65
N PRO A 240 0.39 -7.48 20.86
CA PRO A 240 -0.61 -7.91 19.90
C PRO A 240 -1.87 -8.45 20.59
N VAL A 241 -3.04 -8.11 20.05
CA VAL A 241 -4.37 -8.59 20.51
C VAL A 241 -4.69 -9.90 19.78
N ARG A 242 -5.28 -10.87 20.48
CA ARG A 242 -5.63 -12.23 19.96
C ARG A 242 -7.12 -12.29 19.64
N CYS A 243 -7.99 -11.77 20.51
CA CYS A 243 -9.47 -11.80 20.36
C CYS A 243 -10.12 -10.65 21.13
N ILE A 244 -11.15 -10.03 20.54
CA ILE A 244 -12.06 -9.03 21.19
C ILE A 244 -13.34 -9.78 21.59
N HIS A 245 -13.65 -9.78 22.89
CA HIS A 245 -14.86 -10.38 23.49
C HIS A 245 -15.87 -9.27 23.79
N TRP A 246 -17.05 -9.29 23.14
CA TRP A 246 -18.13 -8.28 23.26
C TRP A 246 -19.45 -9.00 23.56
N ASP A 247 -20.49 -8.25 23.97
CA ASP A 247 -21.76 -8.76 24.56
C ASP A 247 -21.47 -9.49 25.88
N GLN A 248 -20.73 -8.85 26.80
CA GLN A 248 -20.33 -9.43 28.12
C GLN A 248 -21.22 -8.85 29.23
N ALA A 249 -21.13 -9.43 30.43
CA ALA A 249 -21.84 -9.03 31.66
C ALA A 249 -20.82 -8.52 32.69
N SER A 254 -19.57 -3.79 34.79
CA SER A 254 -18.34 -2.93 34.75
C SER A 254 -17.35 -3.47 33.70
N GLY A 255 -17.60 -3.16 32.42
CA GLY A 255 -16.77 -3.57 31.26
C GLY A 255 -17.44 -4.68 30.46
N SER A 256 -18.26 -4.32 29.46
CA SER A 256 -19.00 -5.25 28.57
C SER A 256 -18.11 -5.73 27.40
N VAL A 257 -16.84 -5.30 27.34
CA VAL A 257 -15.84 -5.78 26.33
C VAL A 257 -14.57 -6.23 27.07
N VAL A 258 -14.02 -7.39 26.67
CA VAL A 258 -12.71 -7.92 27.14
C VAL A 258 -11.80 -8.10 25.93
N VAL A 259 -10.63 -7.45 25.94
CA VAL A 259 -9.58 -7.58 24.90
C VAL A 259 -8.61 -8.66 25.39
N GLU A 260 -8.51 -9.77 24.66
CA GLU A 260 -7.60 -10.90 24.99
C GLU A 260 -6.32 -10.71 24.18
N CYS A 261 -5.23 -10.36 24.85
CA CYS A 261 -3.90 -10.14 24.25
C CYS A 261 -3.24 -11.49 23.96
N GLU A 262 -2.30 -11.54 23.02
CA GLU A 262 -1.48 -12.74 22.69
C GLU A 262 -0.69 -13.20 23.92
N ASP A 263 -0.24 -12.28 24.78
CA ASP A 263 0.49 -12.59 26.05
C ASP A 263 -0.50 -13.01 27.15
N CYS A 264 -1.77 -13.29 26.80
CA CYS A 264 -2.84 -13.83 27.67
C CYS A 264 -3.35 -12.77 28.67
N GLU A 265 -2.93 -11.50 28.60
CA GLU A 265 -3.53 -10.43 29.45
C GLU A 265 -4.97 -10.20 28.98
N LEU A 266 -5.93 -10.16 29.91
CA LEU A 266 -7.36 -9.79 29.64
C LEU A 266 -7.57 -8.34 30.10
N ILE A 267 -7.92 -7.46 29.16
CA ILE A 267 -8.14 -6.01 29.41
C ILE A 267 -9.64 -5.72 29.29
N PRO A 268 -10.36 -5.43 30.39
CA PRO A 268 -11.75 -4.99 30.31
C PRO A 268 -11.79 -3.60 29.66
N ALA A 269 -12.84 -3.32 28.89
CA ALA A 269 -13.03 -2.04 28.17
C ALA A 269 -14.52 -1.81 27.92
N ASP A 270 -14.88 -0.55 27.66
CA ASP A 270 -16.26 -0.12 27.32
C ASP A 270 -16.38 -0.08 25.80
N HIS A 271 -15.34 0.41 25.12
CA HIS A 271 -15.26 0.55 23.65
C HIS A 271 -13.89 0.09 23.16
N VAL A 272 -13.84 -0.51 21.97
CA VAL A 272 -12.60 -0.94 21.27
C VAL A 272 -12.65 -0.34 19.86
N ILE A 273 -11.61 0.39 19.46
CA ILE A 273 -11.43 0.85 18.05
C ILE A 273 -10.40 -0.08 17.41
N VAL A 274 -10.82 -0.83 16.40
CA VAL A 274 -9.99 -1.80 15.65
C VAL A 274 -9.45 -1.07 14.42
N THR A 275 -8.13 -0.97 14.28
CA THR A 275 -7.45 -0.26 13.16
C THR A 275 -6.56 -1.21 12.36
N VAL A 276 -6.51 -2.51 12.71
CA VAL A 276 -5.69 -3.51 11.98
C VAL A 276 -6.12 -3.53 10.51
N SER A 277 -5.24 -3.98 9.62
CA SER A 277 -5.46 -3.96 8.14
C SER A 277 -6.62 -4.91 7.79
N LEU A 278 -7.16 -4.77 6.57
CA LEU A 278 -8.11 -5.74 5.98
C LEU A 278 -7.42 -7.11 5.88
N GLY A 279 -6.10 -7.13 5.69
CA GLY A 279 -5.27 -8.35 5.64
C GLY A 279 -5.38 -9.15 6.92
N VAL A 280 -5.24 -8.46 8.06
CA VAL A 280 -5.31 -9.05 9.42
C VAL A 280 -6.72 -9.60 9.62
N LEU A 281 -7.75 -8.80 9.32
CA LEU A 281 -9.18 -9.18 9.46
C LEU A 281 -9.48 -10.45 8.64
N LYS A 282 -9.16 -10.45 7.34
CA LYS A 282 -9.36 -11.60 6.42
C LYS A 282 -8.79 -12.90 7.03
N ARG A 283 -7.62 -12.80 7.65
CA ARG A 283 -6.85 -13.97 8.18
C ARG A 283 -7.38 -14.41 9.55
N GLN A 284 -7.93 -13.49 10.36
CA GLN A 284 -8.14 -13.72 11.82
C GLN A 284 -9.58 -13.44 12.28
N TYR A 285 -10.50 -12.93 11.43
CA TYR A 285 -11.87 -12.56 11.86
C TYR A 285 -12.55 -13.73 12.58
N THR A 286 -12.30 -14.97 12.17
CA THR A 286 -12.93 -16.20 12.72
C THR A 286 -12.59 -16.36 14.21
N SER A 287 -11.37 -15.99 14.62
CA SER A 287 -10.82 -16.15 15.99
C SER A 287 -10.75 -14.80 16.75
N PHE A 288 -10.75 -13.67 16.03
CA PHE A 288 -10.44 -12.33 16.58
C PHE A 288 -11.67 -11.70 17.25
N PHE A 289 -12.86 -12.23 17.00
CA PHE A 289 -14.15 -11.70 17.53
C PHE A 289 -14.93 -12.83 18.20
N ARG A 290 -15.44 -12.58 19.41
CA ARG A 290 -16.36 -13.46 20.17
C ARG A 290 -17.46 -12.62 20.80
N PRO A 291 -18.75 -12.77 20.40
CA PRO A 291 -19.17 -13.69 19.34
C PRO A 291 -18.72 -13.28 17.93
N GLY A 292 -19.11 -14.07 16.92
CA GLY A 292 -18.80 -13.83 15.50
C GLY A 292 -19.34 -12.49 15.02
N LEU A 293 -18.69 -11.90 14.01
CA LEU A 293 -19.13 -10.62 13.38
C LEU A 293 -20.47 -10.84 12.68
N PRO A 294 -21.28 -9.77 12.48
CA PRO A 294 -22.44 -9.85 11.60
C PRO A 294 -22.07 -10.37 10.21
N THR A 295 -22.95 -11.14 9.58
CA THR A 295 -22.63 -11.85 8.30
C THR A 295 -22.37 -10.82 7.20
N GLU A 296 -23.05 -9.66 7.25
CA GLU A 296 -22.84 -8.52 6.32
C GLU A 296 -21.38 -8.08 6.38
N LYS A 297 -20.80 -7.98 7.58
CA LYS A 297 -19.39 -7.54 7.80
C LYS A 297 -18.42 -8.63 7.36
N VAL A 298 -18.73 -9.90 7.62
CA VAL A 298 -17.92 -11.07 7.17
C VAL A 298 -17.85 -11.04 5.64
N ALA A 299 -19.00 -10.84 4.98
CA ALA A 299 -19.11 -10.77 3.50
C ALA A 299 -18.24 -9.63 2.97
N ALA A 300 -18.31 -8.45 3.60
CA ALA A 300 -17.49 -7.25 3.28
C ALA A 300 -16.00 -7.59 3.36
N ILE A 301 -15.56 -8.20 4.47
CA ILE A 301 -14.15 -8.67 4.69
C ILE A 301 -13.76 -9.59 3.53
N HIS A 302 -14.63 -10.50 3.09
CA HIS A 302 -14.38 -11.45 1.97
C HIS A 302 -14.29 -10.68 0.65
N ARG A 303 -15.24 -9.78 0.38
CA ARG A 303 -15.45 -9.15 -0.95
C ARG A 303 -14.37 -8.08 -1.21
N LEU A 304 -14.04 -7.25 -0.22
CA LEU A 304 -13.00 -6.20 -0.35
C LEU A 304 -11.65 -6.89 -0.60
N GLY A 305 -10.79 -6.27 -1.42
CA GLY A 305 -9.46 -6.80 -1.75
C GLY A 305 -8.38 -6.10 -0.93
N ILE A 306 -7.29 -6.81 -0.64
CA ILE A 306 -6.02 -6.21 -0.14
C ILE A 306 -4.88 -6.76 -0.98
N GLY A 307 -4.06 -5.87 -1.55
CA GLY A 307 -2.88 -6.20 -2.36
C GLY A 307 -1.61 -6.14 -1.52
N THR A 308 -0.71 -7.09 -1.73
CA THR A 308 0.70 -7.04 -1.29
C THR A 308 1.49 -6.28 -2.37
N THR A 309 2.00 -5.10 -2.01
CA THR A 309 2.91 -4.27 -2.82
C THR A 309 4.20 -4.03 -2.01
N ASP A 310 5.30 -4.67 -2.41
CA ASP A 310 6.62 -4.55 -1.75
C ASP A 310 7.56 -3.66 -2.57
N LYS A 311 8.47 -2.98 -1.88
CA LYS A 311 9.51 -2.11 -2.47
C LYS A 311 10.87 -2.81 -2.38
N ILE A 312 11.66 -2.76 -3.45
CA ILE A 312 13.05 -3.31 -3.51
C ILE A 312 14.01 -2.15 -3.83
N PHE A 313 14.93 -1.83 -2.92
CA PHE A 313 16.00 -0.84 -3.09
C PHE A 313 17.34 -1.58 -3.27
N LEU A 314 18.08 -1.25 -4.34
CA LEU A 314 19.41 -1.82 -4.67
C LEU A 314 20.44 -0.69 -4.67
N GLU A 315 21.33 -0.68 -3.67
CA GLU A 315 22.42 0.32 -3.54
C GLU A 315 23.66 -0.23 -4.28
N PHE A 316 24.13 0.51 -5.29
CA PHE A 316 25.34 0.19 -6.08
C PHE A 316 26.47 1.19 -5.74
N GLU A 317 27.72 0.70 -5.74
CA GLU A 317 28.92 1.51 -5.46
C GLU A 317 29.06 2.59 -6.53
N GLU A 318 29.08 2.18 -7.81
CA GLU A 318 29.07 3.07 -8.99
C GLU A 318 27.79 2.82 -9.81
N PRO A 319 27.22 3.83 -10.49
CA PRO A 319 26.11 3.62 -11.41
C PRO A 319 26.56 2.98 -12.73
N PHE A 320 25.70 2.17 -13.35
CA PHE A 320 25.95 1.50 -14.65
C PHE A 320 24.94 1.98 -15.71
N TRP A 321 24.10 2.96 -15.37
CA TRP A 321 22.95 3.42 -16.20
C TRP A 321 23.27 4.79 -16.77
N GLY A 322 22.79 5.06 -18.01
CA GLY A 322 23.02 6.32 -18.73
C GLY A 322 22.49 7.51 -17.94
N PRO A 323 23.11 8.71 -18.05
CA PRO A 323 22.63 9.89 -17.30
C PRO A 323 21.28 10.42 -17.79
N GLU A 324 20.82 9.99 -18.98
CA GLU A 324 19.48 10.31 -19.54
C GLU A 324 18.37 9.43 -18.92
N CYS A 325 18.71 8.30 -18.28
CA CYS A 325 17.71 7.30 -17.78
C CYS A 325 17.21 7.67 -16.38
N ASN A 326 15.95 8.11 -16.28
CA ASN A 326 15.15 8.22 -15.02
C ASN A 326 14.84 6.83 -14.47
N SER A 327 14.58 5.86 -15.37
CA SER A 327 14.18 4.48 -15.02
C SER A 327 14.62 3.49 -16.10
N LEU A 328 14.77 2.23 -15.70
CA LEU A 328 14.92 1.06 -16.61
C LEU A 328 13.60 0.28 -16.59
N GLN A 329 12.90 0.23 -17.72
CA GLN A 329 11.60 -0.49 -17.87
C GLN A 329 11.86 -1.79 -18.64
N PHE A 330 11.52 -2.93 -18.02
CA PHE A 330 11.84 -4.29 -18.53
C PHE A 330 10.70 -4.79 -19.42
N VAL A 331 10.99 -4.92 -20.72
CA VAL A 331 10.10 -5.55 -21.75
C VAL A 331 10.68 -6.92 -22.13
N TRP A 332 10.01 -8.01 -21.74
CA TRP A 332 10.35 -9.41 -22.13
C TRP A 332 9.70 -9.71 -23.49
N GLU A 333 10.51 -9.91 -24.53
CA GLU A 333 10.06 -10.07 -25.95
C GLU A 333 9.20 -11.33 -26.11
N ASP A 334 9.41 -12.35 -25.27
CA ASP A 334 8.66 -13.63 -25.29
C ASP A 334 7.27 -13.49 -24.66
N GLU A 335 6.92 -12.32 -24.09
CA GLU A 335 5.59 -12.04 -23.47
C GLU A 335 4.67 -11.26 -24.43
N ALA A 336 4.90 -11.33 -25.74
CA ALA A 336 4.06 -10.70 -26.78
C ALA A 336 2.65 -11.30 -26.74
N GLU A 337 2.53 -12.62 -26.53
CA GLU A 337 1.27 -13.40 -26.66
C GLU A 337 0.55 -13.53 -25.31
N SER A 338 1.27 -13.51 -24.19
CA SER A 338 0.73 -13.82 -22.84
C SER A 338 -0.18 -12.68 -22.35
N HIS A 339 -1.17 -13.03 -21.51
CA HIS A 339 -2.08 -12.11 -20.79
C HIS A 339 -1.93 -12.35 -19.28
N THR A 340 -0.73 -12.74 -18.84
CA THR A 340 -0.41 -13.33 -17.50
C THR A 340 -0.72 -12.32 -16.39
N LEU A 341 -1.66 -12.64 -15.50
CA LEU A 341 -2.00 -11.82 -14.31
C LEU A 341 -1.11 -12.22 -13.14
N THR A 342 -0.88 -13.53 -12.94
CA THR A 342 -0.03 -14.11 -11.86
C THR A 342 0.96 -15.11 -12.47
N TYR A 343 2.27 -14.86 -12.31
CA TYR A 343 3.37 -15.77 -12.73
C TYR A 343 3.49 -16.93 -11.74
N PRO A 344 3.96 -18.14 -12.17
CA PRO A 344 4.30 -19.19 -11.22
C PRO A 344 5.49 -18.76 -10.37
N PRO A 345 5.69 -19.33 -9.16
CA PRO A 345 6.70 -18.84 -8.23
C PRO A 345 8.13 -18.80 -8.79
N GLU A 346 8.47 -19.70 -9.71
CA GLU A 346 9.81 -19.79 -10.36
C GLU A 346 10.10 -18.50 -11.15
N LEU A 347 9.06 -17.85 -11.69
CA LEU A 347 9.14 -16.62 -12.52
C LEU A 347 8.57 -15.41 -11.76
N TRP A 348 8.78 -15.34 -10.45
CA TRP A 348 8.31 -14.22 -9.58
C TRP A 348 8.91 -12.90 -10.09
N TYR A 349 10.18 -12.92 -10.50
CA TYR A 349 11.01 -11.75 -10.93
C TYR A 349 10.38 -11.04 -12.14
N ARG A 350 9.61 -11.75 -12.95
CA ARG A 350 8.98 -11.22 -14.19
C ARG A 350 7.90 -10.18 -13.86
N LYS A 351 7.38 -10.16 -12.62
CA LYS A 351 6.33 -9.22 -12.19
C LYS A 351 6.93 -7.83 -11.90
N ILE A 352 8.25 -7.74 -11.71
CA ILE A 352 9.00 -6.44 -11.66
C ILE A 352 8.96 -5.81 -13.06
N CYS A 353 8.33 -4.64 -13.17
CA CYS A 353 8.13 -3.87 -14.43
C CYS A 353 9.41 -3.12 -14.78
N GLY A 354 10.30 -2.94 -13.80
CA GLY A 354 11.56 -2.19 -13.93
C GLY A 354 11.91 -1.46 -12.66
N PHE A 355 12.89 -0.56 -12.74
CA PHE A 355 13.52 0.15 -11.59
C PHE A 355 13.65 1.64 -11.91
N ASP A 356 13.28 2.48 -10.95
CA ASP A 356 13.48 3.95 -10.99
C ASP A 356 14.88 4.26 -10.43
N VAL A 357 15.59 5.19 -11.06
CA VAL A 357 16.87 5.76 -10.54
C VAL A 357 16.48 6.89 -9.58
N LEU A 358 16.85 6.77 -8.30
CA LEU A 358 16.59 7.81 -7.27
C LEU A 358 17.46 9.04 -7.56
N TYR A 359 16.89 10.23 -7.39
CA TYR A 359 17.49 11.56 -7.64
C TYR A 359 17.26 12.45 -6.42
N PRO A 360 18.25 13.24 -5.95
CA PRO A 360 19.61 13.26 -6.49
C PRO A 360 20.57 12.25 -5.84
N PRO A 361 21.63 11.82 -6.57
CA PRO A 361 22.66 10.93 -6.03
C PRO A 361 23.26 11.24 -4.65
N GLU A 362 23.54 12.51 -4.34
CA GLU A 362 24.16 12.91 -3.05
C GLU A 362 23.23 12.61 -1.87
N ARG A 363 21.91 12.70 -2.08
CA ARG A 363 20.87 12.40 -1.05
C ARG A 363 20.83 10.88 -0.81
N TYR A 364 20.69 10.09 -1.87
CA TYR A 364 20.31 8.65 -1.82
C TYR A 364 21.50 7.71 -2.08
N GLY A 365 22.57 8.20 -2.71
CA GLY A 365 23.59 7.35 -3.35
C GLY A 365 23.13 6.92 -4.73
N HIS A 366 23.74 5.86 -5.28
CA HIS A 366 23.34 5.23 -6.56
C HIS A 366 22.42 4.04 -6.28
N VAL A 367 21.12 4.33 -6.15
CA VAL A 367 20.08 3.36 -5.69
C VAL A 367 19.04 3.19 -6.80
N LEU A 368 18.67 1.94 -7.08
CA LEU A 368 17.50 1.59 -7.93
C LEU A 368 16.32 1.23 -7.02
N SER A 369 15.17 1.87 -7.23
CA SER A 369 13.90 1.63 -6.49
C SER A 369 12.93 0.88 -7.41
N GLY A 370 12.72 -0.41 -7.13
CA GLY A 370 11.75 -1.28 -7.83
C GLY A 370 10.53 -1.56 -6.97
N TRP A 371 9.41 -1.89 -7.62
CA TRP A 371 8.14 -2.34 -6.98
C TRP A 371 7.77 -3.73 -7.49
N ILE A 372 7.22 -4.57 -6.61
CA ILE A 372 6.63 -5.88 -7.01
C ILE A 372 5.32 -6.06 -6.25
N CYS A 373 4.22 -6.29 -6.98
CA CYS A 373 2.83 -6.41 -6.47
C CYS A 373 2.35 -7.84 -6.70
N GLY A 374 1.40 -8.31 -5.89
CA GLY A 374 0.65 -9.57 -6.09
C GLY A 374 1.31 -10.74 -5.39
N GLU A 375 0.94 -11.97 -5.78
CA GLU A 375 1.47 -13.23 -5.19
C GLU A 375 2.98 -13.35 -5.41
N GLU A 376 3.51 -12.77 -6.50
CA GLU A 376 4.96 -12.78 -6.84
C GLU A 376 5.76 -12.03 -5.77
N ALA A 377 5.15 -11.04 -5.12
CA ALA A 377 5.72 -10.30 -3.96
C ALA A 377 5.84 -11.22 -2.73
N LEU A 378 4.85 -12.11 -2.51
CA LEU A 378 4.89 -13.10 -1.40
C LEU A 378 6.03 -14.09 -1.62
N VAL A 379 6.24 -14.53 -2.85
CA VAL A 379 7.35 -15.45 -3.25
C VAL A 379 8.69 -14.74 -2.95
N MET A 380 8.84 -13.51 -3.44
CA MET A 380 10.04 -12.63 -3.21
C MET A 380 10.36 -12.59 -1.71
N GLU A 381 9.35 -12.38 -0.86
CA GLU A 381 9.49 -12.19 0.61
C GLU A 381 10.07 -13.45 1.28
N THR A 382 9.85 -14.64 0.69
CA THR A 382 10.33 -15.94 1.21
C THR A 382 11.84 -16.12 0.91
N LEU A 383 12.38 -15.37 -0.06
CA LEU A 383 13.79 -15.50 -0.52
C LEU A 383 14.72 -14.66 0.37
N SER A 384 16.00 -15.01 0.41
CA SER A 384 17.06 -14.28 1.17
C SER A 384 17.43 -13.00 0.42
N ASP A 385 18.06 -12.05 1.11
CA ASP A 385 18.58 -10.79 0.53
C ASP A 385 19.56 -11.11 -0.61
N GLU A 386 20.45 -12.09 -0.42
CA GLU A 386 21.46 -12.53 -1.43
C GLU A 386 20.75 -13.09 -2.67
N ALA A 387 19.76 -13.97 -2.46
CA ALA A 387 18.96 -14.63 -3.53
C ALA A 387 18.21 -13.58 -4.35
N VAL A 388 17.62 -12.56 -3.69
CA VAL A 388 16.86 -11.46 -4.37
C VAL A 388 17.85 -10.56 -5.10
N ALA A 389 18.92 -10.12 -4.43
CA ALA A 389 19.99 -9.26 -4.98
C ALA A 389 20.57 -9.91 -6.24
N GLU A 390 20.84 -11.23 -6.20
CA GLU A 390 21.47 -11.99 -7.32
C GLU A 390 20.56 -11.97 -8.55
N ILE A 391 19.26 -12.23 -8.39
CA ILE A 391 18.26 -12.33 -9.51
C ILE A 391 18.06 -10.94 -10.13
N CYS A 392 17.97 -9.89 -9.32
CA CYS A 392 17.86 -8.49 -9.80
C CYS A 392 19.12 -8.09 -10.59
N THR A 393 20.32 -8.50 -10.13
CA THR A 393 21.61 -8.25 -10.81
C THR A 393 21.63 -8.99 -12.16
N GLU A 394 21.24 -10.27 -12.17
CA GLU A 394 21.10 -11.10 -13.41
C GLU A 394 20.19 -10.37 -14.40
N MET A 395 19.01 -9.92 -13.96
CA MET A 395 18.02 -9.19 -14.79
C MET A 395 18.66 -7.94 -15.41
N LEU A 396 19.29 -7.11 -14.58
CA LEU A 396 19.94 -5.83 -15.00
C LEU A 396 21.07 -6.09 -15.99
N ARG A 397 21.81 -7.20 -15.85
CA ARG A 397 22.84 -7.63 -16.84
C ARG A 397 22.18 -7.94 -18.19
N GLN A 398 21.14 -8.78 -18.18
CA GLN A 398 20.39 -9.21 -19.39
C GLN A 398 19.78 -8.00 -20.11
N PHE A 399 19.24 -7.03 -19.35
CA PHE A 399 18.42 -5.91 -19.88
C PHE A 399 19.31 -4.72 -20.32
N THR A 400 20.46 -4.50 -19.67
CA THR A 400 21.46 -3.48 -20.07
C THR A 400 22.36 -4.00 -21.20
N GLY A 401 22.49 -5.33 -21.34
CA GLY A 401 23.44 -5.97 -22.27
C GLY A 401 24.86 -5.85 -21.78
N ASN A 402 25.05 -5.60 -20.48
CA ASN A 402 26.35 -5.37 -19.80
C ASN A 402 26.54 -6.49 -18.78
N PRO A 403 27.32 -7.54 -19.09
CA PRO A 403 27.47 -8.68 -18.17
C PRO A 403 28.35 -8.43 -16.94
N ASN A 404 29.00 -7.25 -16.84
CA ASN A 404 30.03 -6.92 -15.81
C ASN A 404 29.44 -6.11 -14.66
N ILE A 405 28.12 -5.95 -14.59
CA ILE A 405 27.47 -5.14 -13.50
C ILE A 405 27.70 -5.86 -12.18
N PRO A 406 28.33 -5.22 -11.17
CA PRO A 406 28.56 -5.88 -9.88
C PRO A 406 27.25 -6.06 -9.10
N LYS A 407 27.23 -7.05 -8.21
CA LYS A 407 26.11 -7.29 -7.26
C LYS A 407 25.98 -6.04 -6.39
N PRO A 408 24.77 -5.56 -6.04
CA PRO A 408 24.62 -4.33 -5.26
C PRO A 408 25.29 -4.44 -3.89
N ARG A 409 25.88 -3.33 -3.42
CA ARG A 409 26.61 -3.24 -2.13
C ARG A 409 25.65 -3.52 -0.98
N ARG A 410 24.44 -2.94 -1.03
CA ARG A 410 23.35 -3.17 -0.04
C ARG A 410 22.04 -3.45 -0.78
N ILE A 411 21.10 -4.09 -0.07
CA ILE A 411 19.70 -4.31 -0.54
C ILE A 411 18.75 -4.06 0.64
N LEU A 412 17.67 -3.31 0.37
CA LEU A 412 16.59 -3.01 1.34
C LEU A 412 15.27 -3.37 0.69
N ARG A 413 14.36 -4.01 1.44
CA ARG A 413 13.04 -4.40 0.88
C ARG A 413 12.01 -4.56 1.99
N SER A 414 10.75 -4.25 1.65
CA SER A 414 9.56 -4.44 2.52
C SER A 414 9.09 -5.91 2.44
N ALA A 415 8.29 -6.32 3.41
CA ALA A 415 7.68 -7.67 3.49
C ALA A 415 6.29 -7.57 4.13
N TRP A 416 5.38 -6.85 3.47
CA TRP A 416 4.03 -6.50 4.00
C TRP A 416 3.11 -7.73 3.98
N GLY A 417 3.21 -8.58 2.96
CA GLY A 417 2.29 -9.72 2.74
C GLY A 417 2.47 -10.81 3.80
N SER A 418 3.72 -11.12 4.15
CA SER A 418 4.08 -12.22 5.08
C SER A 418 4.00 -11.74 6.54
N ASN A 419 4.03 -10.42 6.76
CA ASN A 419 3.98 -9.84 8.12
C ASN A 419 2.60 -10.09 8.70
N PRO A 420 2.47 -10.83 9.83
CA PRO A 420 1.16 -11.15 10.40
C PRO A 420 0.38 -9.93 10.93
N TYR A 421 1.04 -8.77 11.07
CA TYR A 421 0.39 -7.51 11.53
C TYR A 421 -0.07 -6.66 10.35
N PHE A 422 0.14 -7.11 9.10
CA PHE A 422 -0.25 -6.36 7.87
C PHE A 422 -0.94 -7.29 6.87
N ARG A 423 -0.26 -8.35 6.43
CA ARG A 423 -0.78 -9.33 5.44
C ARG A 423 -1.31 -8.57 4.22
N GLY A 424 -0.51 -7.62 3.72
CA GLY A 424 -0.84 -6.77 2.56
C GLY A 424 -0.43 -5.33 2.79
N SER A 425 -0.54 -4.50 1.75
CA SER A 425 -0.02 -3.11 1.69
C SER A 425 -1.19 -2.11 1.69
N TYR A 426 -2.25 -2.36 0.95
CA TYR A 426 -3.44 -1.47 0.90
C TYR A 426 -4.64 -2.17 0.29
N SER A 427 -5.83 -1.66 0.66
CA SER A 427 -7.14 -2.20 0.27
C SER A 427 -7.52 -1.69 -1.13
N TYR A 428 -8.53 -2.29 -1.74
CA TYR A 428 -9.23 -1.78 -2.95
C TYR A 428 -10.60 -2.45 -3.07
N THR A 429 -11.51 -1.78 -3.77
CA THR A 429 -12.85 -2.33 -4.14
C THR A 429 -12.63 -3.24 -5.35
N GLN A 430 -12.82 -4.54 -5.16
CA GLN A 430 -12.39 -5.63 -6.09
C GLN A 430 -13.46 -5.88 -7.15
N VAL A 431 -13.08 -6.52 -8.26
CA VAL A 431 -13.99 -6.92 -9.38
C VAL A 431 -15.09 -7.81 -8.80
N GLY A 432 -16.16 -7.20 -8.30
CA GLY A 432 -17.25 -7.86 -7.56
C GLY A 432 -17.78 -6.98 -6.44
N SER A 433 -16.90 -6.38 -5.64
CA SER A 433 -17.23 -5.54 -4.46
C SER A 433 -17.64 -4.12 -4.90
N SER A 434 -18.15 -3.33 -3.95
CA SER A 434 -18.63 -1.94 -4.12
C SER A 434 -18.29 -1.10 -2.88
N GLY A 435 -18.66 0.20 -2.89
CA GLY A 435 -18.55 1.12 -1.74
C GLY A 435 -19.44 0.72 -0.59
N ALA A 436 -20.50 -0.05 -0.87
CA ALA A 436 -21.40 -0.67 0.14
C ALA A 436 -20.60 -1.57 1.10
N ASP A 437 -19.59 -2.28 0.59
CA ASP A 437 -18.73 -3.18 1.40
C ASP A 437 -17.90 -2.35 2.40
N VAL A 438 -17.37 -1.20 1.97
CA VAL A 438 -16.55 -0.29 2.83
C VAL A 438 -17.44 0.23 3.98
N GLU A 439 -18.68 0.63 3.68
CA GLU A 439 -19.68 1.07 4.70
C GLU A 439 -20.02 -0.10 5.64
N LYS A 440 -20.17 -1.31 5.11
CA LYS A 440 -20.46 -2.54 5.89
C LYS A 440 -19.30 -2.80 6.86
N LEU A 441 -18.06 -2.76 6.35
CA LEU A 441 -16.82 -2.95 7.15
C LEU A 441 -16.72 -1.87 8.24
N ALA A 442 -17.01 -0.61 7.91
CA ALA A 442 -16.88 0.57 8.81
C ALA A 442 -17.93 0.53 9.93
N LYS A 443 -19.07 -0.14 9.70
CA LYS A 443 -20.26 -0.10 10.58
C LYS A 443 -19.88 -0.61 11.97
N PRO A 444 -20.16 0.13 13.06
CA PRO A 444 -19.83 -0.35 14.41
C PRO A 444 -20.72 -1.52 14.80
N LEU A 445 -20.30 -2.30 15.80
CA LEU A 445 -21.13 -3.36 16.44
C LEU A 445 -22.07 -2.69 17.44
N PRO A 446 -23.15 -3.38 17.87
CA PRO A 446 -24.08 -2.83 18.86
C PRO A 446 -23.44 -2.21 20.12
N GLY A 447 -23.94 -1.05 20.53
CA GLY A 447 -23.50 -0.31 21.72
C GLY A 447 -22.23 0.50 21.48
N LEU A 448 -21.76 0.59 20.23
CA LEU A 448 -20.40 1.05 19.86
C LEU A 448 -19.37 0.30 20.72
N GLN A 449 -19.61 -0.99 20.98
CA GLN A 449 -18.71 -1.86 21.78
C GLN A 449 -17.39 -2.03 21.01
N VAL A 450 -17.52 -2.31 19.71
CA VAL A 450 -16.38 -2.37 18.75
C VAL A 450 -16.68 -1.39 17.62
N LEU A 451 -15.73 -0.50 17.34
CA LEU A 451 -15.74 0.42 16.19
C LEU A 451 -14.65 -0.03 15.23
N PHE A 452 -14.85 0.20 13.94
CA PHE A 452 -13.92 -0.21 12.86
C PHE A 452 -13.36 1.03 12.18
N SER A 453 -12.06 1.22 12.30
CA SER A 453 -11.26 2.29 11.68
C SER A 453 -10.19 1.65 10.80
N GLY A 454 -9.36 2.46 10.15
CA GLY A 454 -8.30 2.01 9.24
C GLY A 454 -8.59 2.42 7.81
N GLU A 455 -7.54 2.54 6.99
CA GLU A 455 -7.62 2.95 5.56
C GLU A 455 -8.78 2.23 4.84
N ALA A 456 -8.94 0.91 5.03
CA ALA A 456 -9.93 0.07 4.29
C ALA A 456 -11.36 0.53 4.55
N THR A 457 -11.62 1.12 5.73
CA THR A 457 -12.97 1.55 6.17
C THR A 457 -13.29 2.98 5.70
N HIS A 458 -12.44 3.63 4.88
CA HIS A 458 -12.69 5.01 4.40
C HIS A 458 -13.23 4.97 2.96
N ARG A 459 -14.38 5.61 2.74
CA ARG A 459 -15.23 5.41 1.55
C ARG A 459 -14.56 5.98 0.29
N LYS A 460 -13.89 7.14 0.39
CA LYS A 460 -13.23 7.79 -0.79
C LYS A 460 -11.70 7.79 -0.69
N TYR A 461 -11.10 7.75 0.51
CA TYR A 461 -9.63 7.84 0.72
C TYR A 461 -9.04 6.51 1.22
N TYR A 462 -9.66 5.37 0.91
CA TYR A 462 -9.05 4.04 1.15
C TYR A 462 -7.71 3.95 0.41
N SER A 463 -6.80 3.11 0.92
CA SER A 463 -5.43 2.83 0.41
C SER A 463 -4.53 4.08 0.52
N THR A 464 -4.81 5.03 1.42
CA THR A 464 -4.01 6.26 1.64
C THR A 464 -3.76 6.53 3.12
N THR A 465 -2.76 7.36 3.41
CA THR A 465 -2.36 7.76 4.78
C THR A 465 -3.46 8.66 5.37
N HIS A 466 -3.94 9.63 4.59
CA HIS A 466 -5.03 10.56 5.02
C HIS A 466 -6.32 9.78 5.28
N GLY A 467 -6.58 8.73 4.49
CA GLY A 467 -7.74 7.84 4.70
C GLY A 467 -7.68 7.19 6.06
N ALA A 468 -6.53 6.61 6.40
CA ALA A 468 -6.21 6.02 7.71
C ALA A 468 -6.47 7.05 8.82
N LEU A 469 -5.78 8.19 8.74
CA LEU A 469 -5.90 9.28 9.74
C LEU A 469 -7.38 9.64 9.93
N LEU A 470 -8.08 9.94 8.82
CA LEU A 470 -9.48 10.42 8.84
C LEU A 470 -10.42 9.32 9.36
N SER A 471 -10.14 8.04 9.07
CA SER A 471 -10.94 6.89 9.56
C SER A 471 -10.82 6.77 11.08
N GLY A 472 -9.67 7.13 11.64
CA GLY A 472 -9.43 7.22 13.09
C GLY A 472 -10.26 8.31 13.74
N GLN A 473 -10.31 9.49 13.12
CA GLN A 473 -11.01 10.68 13.65
C GLN A 473 -12.52 10.42 13.61
N ARG A 474 -12.98 9.75 12.55
CA ARG A 474 -14.40 9.35 12.35
C ARG A 474 -14.87 8.54 13.56
N GLU A 475 -14.12 7.48 13.94
CA GLU A 475 -14.53 6.54 15.03
C GLU A 475 -14.42 7.25 16.38
N ALA A 476 -13.37 8.04 16.60
CA ALA A 476 -13.22 8.91 17.79
C ALA A 476 -14.42 9.87 17.86
N ALA A 477 -14.78 10.48 16.74
CA ALA A 477 -15.92 11.42 16.61
C ALA A 477 -17.23 10.69 16.94
N ARG A 478 -17.35 9.42 16.55
CA ARG A 478 -18.55 8.58 16.78
C ARG A 478 -18.78 8.41 18.29
N LEU A 479 -17.72 8.10 19.03
CA LEU A 479 -17.77 7.96 20.51
C LEU A 479 -18.16 9.30 21.13
N ILE A 480 -17.49 10.38 20.71
CA ILE A 480 -17.69 11.75 21.27
C ILE A 480 -19.18 12.13 21.15
N GLU A 481 -19.80 11.86 20.00
CA GLU A 481 -21.24 12.16 19.73
C GLU A 481 -22.12 11.33 20.66
N MET A 482 -21.78 10.05 20.88
CA MET A 482 -22.53 9.11 21.75
C MET A 482 -22.58 9.63 23.19
N TYR A 483 -21.44 10.15 23.69
CA TYR A 483 -21.30 10.64 25.09
C TYR A 483 -21.77 12.11 25.20
N ARG A 484 -21.88 12.82 24.07
CA ARG A 484 -22.58 14.13 24.00
C ARG A 484 -24.09 13.91 24.16
N ASP A 485 -24.64 12.85 23.55
CA ASP A 485 -26.09 12.49 23.60
C ASP A 485 -26.49 12.17 25.04
N LEU A 486 -25.65 11.44 25.79
CA LEU A 486 -25.88 11.11 27.23
C LEU A 486 -25.85 12.39 28.07
N PHE A 487 -25.00 13.35 27.72
CA PHE A 487 -24.89 14.69 28.38
C PHE A 487 -26.16 15.51 28.11
N GLN A 488 -26.69 15.48 26.87
CA GLN A 488 -27.85 16.28 26.43
C GLN A 488 -29.17 15.65 26.90
N GLN A 489 -29.29 14.31 26.81
CA GLN A 489 -30.47 13.53 27.28
C GLN A 489 -30.69 13.76 28.78
N SER A 490 -29.68 13.44 29.59
CA SER A 490 -29.66 13.62 31.07
C SER A 490 -29.38 15.09 31.41
#